data_4PQZ
#
_entry.id   4PQZ
#
_cell.length_a   61.518
_cell.length_b   61.518
_cell.length_c   84.967
_cell.angle_alpha   90.00
_cell.angle_beta   90.00
_cell.angle_gamma   120.00
#
_symmetry.space_group_name_H-M   'P 32 2 1'
#
loop_
_entity.id
_entity.type
_entity.pdbx_description
1 polymer 'Transcriptional protein SWT1'
2 water water
#
_entity_poly.entity_id   1
_entity_poly.type   'polypeptide(L)'
_entity_poly.pdbx_seq_one_letter_code
;MGSSHHHHHHSSGENLYFQGSYAHIPGIETPPLQFDKVSQNVFEQVKETIFFAIDHTLRKEYGEDIGFIDYNPDKLTTIE
NASNYIYLFWVSVFSELFTCSKIKKNEWKSLPTVLKSKPTNLNDLRTFEQFWETVLHFLFSKFTNEEKQSLEKQIHEWKT
SINAIST
;
_entity_poly.pdbx_strand_id   A
#
# COMPACT_ATOMS: atom_id res chain seq x y z
N PRO A 32 -6.34 11.18 20.96
CA PRO A 32 -6.33 11.19 22.43
C PRO A 32 -6.73 9.82 22.99
N LEU A 33 -7.94 9.74 23.53
CA LEU A 33 -8.48 8.48 24.06
C LEU A 33 -8.82 7.49 22.92
N GLN A 34 -9.62 7.96 21.97
CA GLN A 34 -10.26 7.12 20.96
C GLN A 34 -9.34 6.54 19.87
N PHE A 35 -8.05 6.76 20.00
CA PHE A 35 -7.16 6.73 18.85
C PHE A 35 -6.79 5.34 18.29
N ASP A 36 -6.47 4.39 19.17
CA ASP A 36 -5.79 3.16 18.76
C ASP A 36 -6.60 2.18 17.91
N LYS A 37 -7.91 2.11 18.11
CA LYS A 37 -8.74 1.15 17.39
C LYS A 37 -8.78 1.48 15.92
N VAL A 38 -8.87 2.77 15.62
CA VAL A 38 -8.84 3.22 14.25
C VAL A 38 -7.40 3.34 13.72
N SER A 39 -6.42 3.36 14.62
CA SER A 39 -5.03 3.31 14.20
C SER A 39 -4.68 1.97 13.57
N GLN A 40 -4.92 0.88 14.31
CA GLN A 40 -4.68 -0.46 13.78
C GLN A 40 -5.64 -0.80 12.64
N ASN A 41 -6.87 -0.30 12.72
CA ASN A 41 -7.90 -0.52 11.70
C ASN A 41 -7.49 -0.05 10.29
N VAL A 42 -6.98 1.18 10.20
CA VAL A 42 -6.44 1.69 8.94
C VAL A 42 -5.14 0.97 8.56
N PHE A 43 -4.20 0.94 9.51
CA PHE A 43 -2.89 0.29 9.32
C PHE A 43 -3.02 -1.14 8.79
N GLU A 44 -3.83 -1.96 9.45
CA GLU A 44 -3.97 -3.36 9.05
C GLU A 44 -4.75 -3.52 7.73
N GLN A 45 -5.64 -2.59 7.43
CA GLN A 45 -6.36 -2.65 6.16
C GLN A 45 -5.51 -2.13 5.00
N VAL A 46 -4.81 -1.02 5.21
CA VAL A 46 -3.81 -0.52 4.25
C VAL A 46 -2.79 -1.62 3.89
N LYS A 47 -2.26 -2.29 4.91
CA LYS A 47 -1.39 -3.46 4.75
C LYS A 47 -1.98 -4.54 3.84
N GLU A 48 -3.20 -4.97 4.15
CA GLU A 48 -3.88 -6.00 3.35
C GLU A 48 -4.06 -5.58 1.90
N THR A 49 -4.30 -4.29 1.70
CA THR A 49 -4.57 -3.75 0.37
C THR A 49 -3.28 -3.61 -0.45
N ILE A 50 -2.18 -3.28 0.22
CA ILE A 50 -0.89 -3.23 -0.44
C ILE A 50 -0.49 -4.64 -0.87
N PHE A 51 -0.72 -5.60 0.02
CA PHE A 51 -0.34 -6.98 -0.24
C PHE A 51 -1.14 -7.55 -1.39
N PHE A 52 -2.46 -7.35 -1.36
CA PHE A 52 -3.34 -7.74 -2.47
C PHE A 52 -2.84 -7.20 -3.79
N ALA A 53 -2.51 -5.90 -3.81
CA ALA A 53 -2.10 -5.20 -5.03
C ALA A 53 -0.78 -5.73 -5.58
N ILE A 54 0.16 -5.98 -4.69
CA ILE A 54 1.45 -6.53 -5.11
C ILE A 54 1.32 -7.98 -5.57
N ASP A 55 0.60 -8.80 -4.79
CA ASP A 55 0.29 -10.19 -5.16
C ASP A 55 -0.32 -10.30 -6.55
N HIS A 56 -1.34 -9.48 -6.80
CA HIS A 56 -2.15 -9.57 -8.02
C HIS A 56 -1.34 -9.18 -9.26
N THR A 57 -0.54 -8.13 -9.11
CA THR A 57 0.28 -7.63 -10.19
C THR A 57 1.42 -8.63 -10.53
N LEU A 58 2.05 -9.19 -9.50
CA LEU A 58 3.14 -10.14 -9.70
C LEU A 58 2.67 -11.45 -10.34
N ARG A 59 1.57 -11.98 -9.82
CA ARG A 59 0.95 -13.18 -10.36
C ARG A 59 0.50 -13.00 -11.81
N LYS A 60 0.06 -11.80 -12.16
CA LYS A 60 -0.35 -11.51 -13.53
C LYS A 60 0.83 -11.37 -14.50
N GLU A 61 1.90 -10.71 -14.05
CA GLU A 61 3.14 -10.68 -14.82
C GLU A 61 3.79 -12.08 -15.02
N TYR A 62 3.87 -12.86 -13.95
CA TYR A 62 4.74 -14.05 -13.92
C TYR A 62 4.04 -15.40 -13.88
N GLY A 63 2.79 -15.42 -13.41
CA GLY A 63 1.97 -16.62 -13.41
C GLY A 63 2.57 -17.79 -12.68
N GLU A 64 2.80 -18.88 -13.42
CA GLU A 64 3.48 -20.06 -12.91
C GLU A 64 4.88 -19.77 -12.35
N ASP A 65 5.56 -18.80 -12.96
CA ASP A 65 6.98 -18.64 -12.70
C ASP A 65 7.28 -17.79 -11.46
N ILE A 66 6.32 -17.69 -10.53
CA ILE A 66 6.50 -16.77 -9.38
C ILE A 66 7.51 -17.26 -8.35
N GLY A 67 7.65 -18.58 -8.23
CA GLY A 67 8.68 -19.16 -7.38
C GLY A 67 10.04 -18.92 -8.00
N PHE A 68 10.08 -18.95 -9.32
CA PHE A 68 11.30 -18.72 -10.09
C PHE A 68 11.81 -17.28 -9.95
N ILE A 69 10.92 -16.31 -9.84
CA ILE A 69 11.37 -14.93 -9.63
C ILE A 69 11.27 -14.48 -8.18
N ASP A 70 11.34 -15.45 -7.27
CA ASP A 70 11.45 -15.19 -5.83
C ASP A 70 10.30 -14.38 -5.19
N TYR A 71 9.10 -14.52 -5.74
CA TYR A 71 7.94 -14.01 -5.02
C TYR A 71 7.18 -15.16 -4.35
N ASN A 72 7.33 -15.28 -3.04
CA ASN A 72 6.45 -16.14 -2.26
C ASN A 72 5.48 -15.31 -1.42
N PRO A 73 4.17 -15.49 -1.65
CA PRO A 73 3.08 -14.76 -0.98
C PRO A 73 3.23 -14.75 0.56
N ASP A 74 3.74 -15.85 1.10
CA ASP A 74 4.27 -15.92 2.45
C ASP A 74 5.76 -15.88 2.17
N LYS A 75 6.44 -14.74 2.31
CA LYS A 75 6.16 -13.71 3.32
C LYS A 75 6.04 -12.29 2.76
N LEU A 76 4.84 -11.96 2.31
CA LEU A 76 4.42 -10.59 2.20
C LEU A 76 3.70 -10.30 3.51
N THR A 77 4.46 -10.14 4.60
CA THR A 77 3.86 -9.88 5.91
C THR A 77 4.08 -8.46 6.42
N THR A 78 5.06 -7.76 5.86
CA THR A 78 5.32 -6.41 6.32
C THR A 78 5.23 -5.41 5.18
N ILE A 79 5.11 -4.14 5.55
CA ILE A 79 5.11 -3.08 4.55
C ILE A 79 6.51 -2.99 3.95
N GLU A 80 7.52 -3.32 4.76
CA GLU A 80 8.90 -3.38 4.29
C GLU A 80 9.13 -4.43 3.19
N ASN A 81 8.56 -5.63 3.36
CA ASN A 81 8.56 -6.64 2.30
C ASN A 81 7.93 -6.14 0.99
N ALA A 82 6.76 -5.51 1.12
CA ALA A 82 6.05 -4.96 -0.02
C ALA A 82 6.90 -3.93 -0.76
N SER A 83 7.46 -2.99 -0.01
CA SER A 83 8.33 -1.96 -0.55
C SER A 83 9.52 -2.57 -1.30
N ASN A 84 10.16 -3.53 -0.65
CA ASN A 84 11.26 -4.27 -1.29
C ASN A 84 10.83 -4.93 -2.62
N TYR A 85 9.65 -5.55 -2.64
CA TYR A 85 9.07 -6.04 -3.90
C TYR A 85 8.84 -4.97 -4.98
N ILE A 86 8.36 -3.80 -4.59
CA ILE A 86 8.18 -2.71 -5.55
C ILE A 86 9.53 -2.26 -6.08
N TYR A 87 10.49 -2.12 -5.17
CA TYR A 87 11.91 -1.90 -5.50
C TYR A 87 12.54 -2.94 -6.46
N LEU A 88 12.43 -4.23 -6.11
CA LEU A 88 13.09 -5.30 -6.91
C LEU A 88 12.48 -5.44 -8.30
N PHE A 89 11.19 -5.19 -8.40
CA PHE A 89 10.46 -5.39 -9.65
C PHE A 89 10.09 -4.08 -10.32
N TRP A 90 10.82 -3.02 -9.99
CA TRP A 90 10.51 -1.67 -10.47
C TRP A 90 10.56 -1.56 -11.99
N VAL A 91 11.71 -1.88 -12.55
CA VAL A 91 11.93 -1.77 -13.99
C VAL A 91 11.02 -2.70 -14.78
N SER A 92 10.81 -3.91 -14.28
CA SER A 92 10.01 -4.93 -14.98
C SER A 92 8.52 -4.70 -14.89
N VAL A 93 8.04 -4.35 -13.69
CA VAL A 93 6.60 -4.34 -13.46
C VAL A 93 6.04 -3.03 -12.88
N PHE A 94 6.67 -2.47 -11.86
CA PHE A 94 6.04 -1.43 -11.07
C PHE A 94 6.20 0.03 -11.55
N SER A 95 7.31 0.35 -12.23
CA SER A 95 7.48 1.72 -12.69
C SER A 95 6.44 2.09 -13.74
N GLU A 96 5.99 1.10 -14.48
CA GLU A 96 4.93 1.33 -15.47
C GLU A 96 3.66 1.82 -14.78
N LEU A 97 3.36 1.24 -13.62
CA LEU A 97 2.18 1.64 -12.85
C LEU A 97 2.34 3.04 -12.26
N PHE A 98 3.59 3.50 -12.16
CA PHE A 98 3.86 4.78 -11.55
C PHE A 98 4.20 5.89 -12.56
N THR A 99 3.87 5.68 -13.84
CA THR A 99 4.25 6.65 -14.86
C THR A 99 3.77 8.08 -14.58
N CYS A 100 2.51 8.21 -14.14
CA CYS A 100 1.98 9.55 -13.85
C CYS A 100 2.16 9.94 -12.38
N SER A 101 3.31 9.54 -11.84
CA SER A 101 3.70 9.87 -10.49
C SER A 101 5.11 10.45 -10.56
N LYS A 102 5.48 11.20 -9.54
CA LYS A 102 6.84 11.71 -9.39
C LYS A 102 7.69 10.72 -8.62
N ILE A 103 7.05 9.68 -8.10
CA ILE A 103 7.77 8.63 -7.38
C ILE A 103 8.77 7.90 -8.30
N LYS A 104 10.02 7.86 -7.84
CA LYS A 104 11.10 7.14 -8.54
C LYS A 104 11.50 5.87 -7.77
N LYS A 105 12.24 5.01 -8.46
CA LYS A 105 12.72 3.74 -7.90
C LYS A 105 13.26 3.87 -6.48
N ASN A 106 14.20 4.79 -6.29
CA ASN A 106 14.85 5.00 -4.99
C ASN A 106 13.93 5.25 -3.76
N GLU A 107 12.71 5.71 -4.01
CA GLU A 107 11.72 5.91 -2.93
C GLU A 107 11.42 4.60 -2.15
N TRP A 108 11.59 3.45 -2.82
CA TRP A 108 11.23 2.16 -2.23
C TRP A 108 12.41 1.40 -1.64
N LYS A 109 13.59 1.98 -1.74
CA LYS A 109 14.80 1.38 -1.20
C LYS A 109 14.71 1.27 0.34
N SER A 110 14.26 2.35 0.97
CA SER A 110 14.09 2.39 2.42
C SER A 110 13.07 3.47 2.76
N LEU A 111 11.85 3.02 3.01
CA LEU A 111 10.77 3.91 3.41
C LEU A 111 11.05 4.49 4.79
N PRO A 112 10.65 5.75 5.02
CA PRO A 112 10.67 6.31 6.37
C PRO A 112 9.79 5.48 7.29
N THR A 113 10.16 5.35 8.54
CA THR A 113 9.41 4.54 9.51
C THR A 113 7.93 4.95 9.67
N VAL A 114 7.62 6.23 9.45
CA VAL A 114 6.24 6.70 9.55
C VAL A 114 5.32 5.98 8.55
N LEU A 115 5.91 5.58 7.43
CA LEU A 115 5.21 4.90 6.36
C LEU A 115 5.24 3.38 6.51
N LYS A 116 6.10 2.87 7.40
CA LYS A 116 6.33 1.42 7.54
C LYS A 116 5.68 0.78 8.76
N SER A 117 5.09 1.59 9.63
CA SER A 117 4.61 1.08 10.91
C SER A 117 3.30 1.73 11.37
N LYS A 118 2.75 1.20 12.45
CA LYS A 118 1.48 1.67 12.99
C LYS A 118 1.61 3.07 13.56
N PRO A 119 0.79 4.01 13.06
CA PRO A 119 0.80 5.40 13.53
C PRO A 119 0.51 5.53 15.04
N THR A 120 1.34 6.30 15.73
CA THR A 120 1.18 6.52 17.17
C THR A 120 0.57 7.88 17.50
N ASN A 121 0.42 8.73 16.48
CA ASN A 121 -0.26 10.02 16.65
C ASN A 121 -1.10 10.41 15.44
N LEU A 122 -1.89 11.47 15.57
CA LEU A 122 -2.84 11.83 14.50
C LEU A 122 -2.13 12.34 13.25
N ASN A 123 -1.09 13.14 13.45
CA ASN A 123 -0.27 13.61 12.35
C ASN A 123 0.31 12.43 11.53
N ASP A 124 0.88 11.46 12.24
CA ASP A 124 1.50 10.28 11.63
C ASP A 124 0.46 9.42 10.90
N LEU A 125 -0.75 9.37 11.47
CA LEU A 125 -1.86 8.61 10.88
C LEU A 125 -2.35 9.24 9.59
N ARG A 126 -2.39 10.57 9.55
CA ARG A 126 -2.77 11.27 8.33
C ARG A 126 -1.67 11.14 7.28
N THR A 127 -0.43 11.28 7.73
CA THR A 127 0.73 11.13 6.86
C THR A 127 0.78 9.72 6.25
N PHE A 128 0.50 8.72 7.09
CA PHE A 128 0.47 7.33 6.67
C PHE A 128 -0.62 7.11 5.63
N GLU A 129 -1.85 7.42 6.01
CA GLU A 129 -3.01 7.21 5.15
C GLU A 129 -2.92 8.01 3.85
N GLN A 130 -2.51 9.27 3.90
CA GLN A 130 -2.38 10.06 2.66
C GLN A 130 -1.36 9.49 1.69
N PHE A 131 -0.23 8.98 2.19
CA PHE A 131 0.81 8.49 1.29
C PHE A 131 0.30 7.26 0.55
N TRP A 132 -0.27 6.35 1.34
CA TRP A 132 -0.71 5.05 0.83
C TRP A 132 -1.97 5.09 -0.03
N GLU A 133 -2.82 6.09 0.22
CA GLU A 133 -3.99 6.38 -0.61
C GLU A 133 -3.53 6.70 -2.03
N THR A 134 -2.63 7.67 -2.15
CA THR A 134 -2.04 8.08 -3.42
C THR A 134 -1.38 6.87 -4.11
N VAL A 135 -0.53 6.14 -3.37
CA VAL A 135 0.21 4.97 -3.87
C VAL A 135 -0.69 3.80 -4.32
N LEU A 136 -1.67 3.45 -3.50
CA LEU A 136 -2.63 2.41 -3.87
C LEU A 136 -3.35 2.70 -5.19
N HIS A 137 -3.62 3.97 -5.45
CA HIS A 137 -4.15 4.39 -6.73
C HIS A 137 -3.31 3.92 -7.91
N PHE A 138 -2.01 4.21 -7.88
CA PHE A 138 -1.10 3.77 -8.94
C PHE A 138 -1.00 2.24 -9.01
N LEU A 139 -0.95 1.60 -7.85
CA LEU A 139 -0.88 0.14 -7.79
C LEU A 139 -2.16 -0.54 -8.26
N PHE A 140 -3.27 0.21 -8.31
CA PHE A 140 -4.55 -0.33 -8.82
C PHE A 140 -4.80 0.08 -10.28
N SER A 141 -3.90 0.88 -10.84
CA SER A 141 -4.16 1.59 -12.09
C SER A 141 -4.46 0.70 -13.31
N LYS A 142 -4.14 -0.59 -13.23
CA LYS A 142 -4.45 -1.50 -14.31
C LYS A 142 -5.39 -2.60 -13.86
N PHE A 143 -5.95 -2.45 -12.67
CA PHE A 143 -6.91 -3.42 -12.17
C PHE A 143 -8.27 -3.19 -12.85
N THR A 144 -9.24 -4.03 -12.51
CA THR A 144 -10.57 -3.87 -13.10
C THR A 144 -11.32 -2.68 -12.48
N ASN A 145 -12.33 -2.18 -13.19
CA ASN A 145 -13.14 -1.05 -12.70
C ASN A 145 -13.73 -1.38 -11.33
N GLU A 146 -14.12 -2.63 -11.17
CA GLU A 146 -14.66 -3.16 -9.92
C GLU A 146 -13.69 -3.05 -8.74
N GLU A 147 -12.45 -3.47 -8.96
CA GLU A 147 -11.45 -3.49 -7.90
C GLU A 147 -11.10 -2.06 -7.53
N LYS A 148 -11.07 -1.20 -8.53
CA LYS A 148 -10.88 0.24 -8.33
C LYS A 148 -11.98 0.94 -7.51
N GLN A 149 -13.27 0.64 -7.79
CA GLN A 149 -14.40 1.10 -6.96
C GLN A 149 -14.23 0.63 -5.52
N SER A 150 -13.89 -0.65 -5.37
CA SER A 150 -13.65 -1.26 -4.08
C SER A 150 -12.55 -0.54 -3.29
N LEU A 151 -11.57 0.02 -4.01
CA LEU A 151 -10.50 0.76 -3.36
C LEU A 151 -10.98 2.13 -2.88
N GLU A 152 -11.75 2.82 -3.71
CA GLU A 152 -12.39 4.09 -3.36
C GLU A 152 -13.27 3.97 -2.11
N LYS A 153 -14.09 2.93 -2.07
CA LYS A 153 -14.94 2.65 -0.93
C LYS A 153 -14.11 2.47 0.36
N GLN A 154 -12.98 1.80 0.24
CA GLN A 154 -12.14 1.52 1.40
C GLN A 154 -11.41 2.78 1.89
N ILE A 155 -10.96 3.59 0.93
CA ILE A 155 -10.32 4.89 1.16
C ILE A 155 -11.27 5.86 1.87
N HIS A 156 -12.54 5.87 1.47
CA HIS A 156 -13.55 6.74 2.07
C HIS A 156 -13.73 6.39 3.54
N GLU A 157 -13.90 5.09 3.83
CA GLU A 157 -13.97 4.63 5.21
C GLU A 157 -12.74 5.00 6.05
N TRP A 158 -11.55 4.97 5.44
CA TRP A 158 -10.34 5.35 6.15
C TRP A 158 -10.35 6.81 6.53
N LYS A 159 -10.63 7.67 5.54
CA LYS A 159 -10.68 9.12 5.73
C LYS A 159 -11.70 9.54 6.80
N THR A 160 -12.92 9.04 6.67
CA THR A 160 -13.99 9.45 7.57
C THR A 160 -13.69 9.00 8.99
N SER A 161 -13.18 7.78 9.15
CA SER A 161 -12.80 7.28 10.47
C SER A 161 -11.63 8.08 11.07
N ILE A 162 -10.83 8.66 10.18
CA ILE A 162 -9.76 9.57 10.60
C ILE A 162 -10.31 10.99 10.79
N ASN A 163 -11.07 11.47 9.80
CA ASN A 163 -11.60 12.84 9.79
C ASN A 163 -12.73 13.03 10.79
N ALA A 164 -13.14 11.93 11.42
CA ALA A 164 -14.09 11.98 12.52
C ALA A 164 -13.34 11.88 13.84
N ILE A 165 -12.09 12.34 13.85
CA ILE A 165 -11.42 12.67 15.10
C ILE A 165 -10.80 14.07 15.03
N SER A 166 -11.48 15.01 15.67
CA SER A 166 -10.84 16.19 16.22
C SER A 166 -11.08 16.01 17.72
N THR A 167 -10.36 16.75 18.56
CA THR A 167 -10.48 16.57 20.01
C THR A 167 -11.69 17.29 20.60
#